data_4PUA
#
_entry.id   4PUA
#
_cell.length_a   55.033
_cell.length_b   59.887
_cell.length_c   170.126
_cell.angle_alpha   90.00
_cell.angle_beta   90.00
_cell.angle_gamma   90.00
#
_symmetry.space_group_name_H-M   'I 2 2 2'
#
loop_
_entity.id
_entity.type
_entity.pdbx_description
1 polymer 'glutathione S-transferase'
2 non-polymer GLUTATHIONE
3 water water
#
_entity_poly.entity_id   1
_entity_poly.type   'polypeptide(L)'
_entity_poly.pdbx_seq_one_letter_code
;MSAYQLPTVWQDEASNQGAFTGLNRPTAGARFEQNLPKGEQAFQLYSLRTPNGVKVTILLEELLEAGFKEAAYDLYKIAI
MDGDQFGSDFVKLNPNSKIPALLDQSGTEDVRVFESAHILLYLAEKFGAFLPSNPVERVEVLNWLFWQAGAAPFLGGGFG
HFFNYAPEKLEYPINRFTMEVKRQLDLLDKELAQKPYIAGNDYTIADIAIWSWYGQLVQGNLYQGSAKFLDASSYQNLVK
WAEKIANRPAVKRGLEVTYTEIK
;
_entity_poly.pdbx_strand_id   A
#
loop_
_chem_comp.id
_chem_comp.type
_chem_comp.name
_chem_comp.formula
GSH non-polymer GLUTATHIONE 'C10 H17 N3 O6 S'
#
# COMPACT_ATOMS: atom_id res chain seq x y z
N ALA A 3 -27.79 11.42 22.92
CA ALA A 3 -27.59 11.31 21.46
C ALA A 3 -26.96 12.60 20.95
N TYR A 4 -26.55 12.51 19.72
CA TYR A 4 -25.71 13.51 19.16
C TYR A 4 -26.60 14.32 18.25
N GLN A 5 -26.44 15.63 18.25
CA GLN A 5 -27.19 16.43 17.32
C GLN A 5 -26.27 16.70 16.12
N LEU A 6 -26.66 16.16 15.01
CA LEU A 6 -25.93 16.28 13.74
C LEU A 6 -25.97 17.75 13.37
N PRO A 7 -24.82 18.42 13.18
CA PRO A 7 -24.88 19.85 12.82
C PRO A 7 -25.39 20.05 11.40
N THR A 8 -25.87 21.25 11.05
CA THR A 8 -26.40 21.42 9.70
C THR A 8 -25.22 21.74 8.76
N VAL A 9 -24.16 22.37 9.28
CA VAL A 9 -22.87 22.56 8.60
C VAL A 9 -21.79 22.08 9.53
N TRP A 10 -20.99 21.14 9.05
CA TRP A 10 -19.96 20.55 9.89
C TRP A 10 -18.81 21.51 10.21
N GLN A 11 -18.43 21.56 11.48
CA GLN A 11 -17.27 22.32 11.95
C GLN A 11 -16.25 21.37 12.57
N ASP A 12 -14.97 21.65 12.35
CA ASP A 12 -13.87 20.95 13.03
C ASP A 12 -13.83 21.27 14.52
N GLU A 13 -14.40 20.40 15.35
CA GLU A 13 -14.31 20.53 16.82
C GLU A 13 -13.36 19.43 17.33
N ALA A 14 -12.06 19.70 17.14
CA ALA A 14 -10.95 18.73 17.26
C ALA A 14 -11.18 17.36 17.97
N SER A 15 -11.93 16.44 17.37
CA SER A 15 -12.18 15.14 18.03
C SER A 15 -10.87 14.33 18.15
N ASN A 16 -10.73 13.55 19.23
CA ASN A 16 -9.56 12.69 19.42
C ASN A 16 -9.70 11.48 18.52
N GLN A 17 -8.91 11.44 17.42
CA GLN A 17 -8.95 10.34 16.46
C GLN A 17 -7.85 9.28 16.61
N GLY A 18 -7.15 9.30 17.73
CA GLY A 18 -6.07 8.34 17.97
C GLY A 18 -4.77 8.94 17.51
N ALA A 19 -3.82 8.08 17.13
CA ALA A 19 -2.44 8.52 16.85
C ALA A 19 -2.32 9.65 15.78
N PHE A 20 -3.32 9.73 14.87
CA PHE A 20 -3.25 10.65 13.73
C PHE A 20 -4.01 11.97 13.97
N THR A 21 -4.55 12.17 15.18
CA THR A 21 -5.04 13.48 15.55
C THR A 21 -3.90 14.54 15.35
N GLY A 22 -4.22 15.70 14.78
CA GLY A 22 -3.25 16.77 14.46
C GLY A 22 -2.69 16.63 13.02
N LEU A 23 -2.47 15.40 12.61
CA LEU A 23 -1.98 15.12 11.24
C LEU A 23 -3.22 15.11 10.30
N ASN A 24 -4.26 14.37 10.69
CA ASN A 24 -5.54 14.43 9.96
C ASN A 24 -6.17 15.78 10.10
N ARG A 25 -6.44 16.41 8.96
CA ARG A 25 -7.06 17.73 8.89
C ARG A 25 -8.09 17.78 7.75
N PRO A 26 -9.04 18.74 7.86
CA PRO A 26 -10.05 18.90 6.81
C PRO A 26 -9.60 19.75 5.60
N THR A 27 -8.32 20.13 5.60
CA THR A 27 -7.67 20.87 4.52
C THR A 27 -6.40 20.18 4.09
N ALA A 28 -6.06 20.36 2.82
CA ALA A 28 -4.90 19.77 2.24
C ALA A 28 -3.82 20.82 2.10
N GLY A 29 -2.61 20.40 1.74
CA GLY A 29 -1.54 21.32 1.41
C GLY A 29 -0.31 21.18 2.27
N ALA A 30 0.75 21.85 1.85
CA ALA A 30 2.02 21.84 2.55
C ALA A 30 1.91 22.67 3.81
N ARG A 31 2.55 22.25 4.88
CA ARG A 31 2.52 23.01 6.13
C ARG A 31 3.88 23.64 6.50
N PHE A 32 4.97 23.37 5.77
CA PHE A 32 6.31 23.88 6.10
C PHE A 32 7.22 23.70 4.87
N GLU A 33 8.29 24.46 4.77
CA GLU A 33 9.21 24.33 3.65
C GLU A 33 10.14 23.14 3.94
N GLN A 34 10.33 22.27 2.96
CA GLN A 34 11.06 21.07 3.12
C GLN A 34 11.88 20.90 1.86
N ASN A 35 13.16 20.65 2.01
CA ASN A 35 14.03 20.26 0.88
C ASN A 35 14.38 18.83 0.98
N LEU A 36 13.82 17.99 0.12
CA LEU A 36 14.09 16.57 0.21
C LEU A 36 15.40 16.23 -0.47
N PRO A 37 16.19 15.29 0.08
CA PRO A 37 17.36 14.76 -0.62
C PRO A 37 16.98 13.98 -1.85
N LYS A 38 17.93 13.93 -2.76
CA LYS A 38 17.79 13.27 -4.04
C LYS A 38 19.16 12.62 -4.38
N GLY A 39 19.16 11.37 -4.83
CA GLY A 39 20.33 10.60 -5.18
C GLY A 39 20.53 10.66 -6.69
N GLU A 40 21.35 9.75 -7.17
CA GLU A 40 21.71 9.67 -8.61
C GLU A 40 20.89 8.65 -9.38
N GLN A 41 20.30 7.66 -8.71
CA GLN A 41 19.51 6.66 -9.46
C GLN A 41 18.31 7.26 -10.16
N ALA A 42 17.82 6.59 -11.20
CA ALA A 42 16.68 7.01 -11.99
C ALA A 42 15.46 7.23 -11.09
N PHE A 43 15.30 6.30 -10.17
CA PHE A 43 14.13 6.24 -9.29
C PHE A 43 14.42 6.70 -7.87
N GLN A 44 13.70 7.75 -7.48
CA GLN A 44 13.76 8.32 -6.12
C GLN A 44 12.43 8.04 -5.48
N LEU A 45 12.43 7.14 -4.50
CA LEU A 45 11.25 6.68 -3.91
C LEU A 45 11.17 7.24 -2.48
N TYR A 46 10.07 7.94 -2.21
CA TYR A 46 9.81 8.64 -0.96
C TYR A 46 8.63 7.94 -0.30
N SER A 47 8.96 7.16 0.70
CA SER A 47 8.02 6.11 1.20
C SER A 47 8.25 5.77 2.71
N LEU A 48 7.69 4.65 3.13
CA LEU A 48 7.75 4.19 4.50
C LEU A 48 7.45 2.73 4.50
N ARG A 49 8.07 1.97 5.36
CA ARG A 49 7.66 0.53 5.46
C ARG A 49 6.26 0.36 6.02
N THR A 50 5.27 0.27 5.14
CA THR A 50 3.87 0.11 5.43
C THR A 50 3.34 -0.81 4.30
N PRO A 51 2.04 -1.19 4.36
CA PRO A 51 1.52 -2.08 3.32
C PRO A 51 1.65 -1.44 1.97
N ASN A 52 1.37 -0.11 1.87
CA ASN A 52 1.54 0.52 0.62
C ASN A 52 2.92 0.66 0.14
N GLY A 53 3.83 0.95 1.08
CA GLY A 53 5.23 1.14 0.77
C GLY A 53 5.96 -0.14 0.38
N VAL A 54 5.60 -1.25 1.00
CA VAL A 54 6.27 -2.47 0.64
C VAL A 54 5.89 -2.98 -0.72
N LYS A 55 4.71 -2.60 -1.25
CA LYS A 55 4.40 -2.97 -2.59
C LYS A 55 5.49 -2.59 -3.55
N VAL A 56 5.92 -1.32 -3.46
CA VAL A 56 6.83 -0.79 -4.39
C VAL A 56 8.28 -1.35 -4.19
N THR A 57 8.71 -1.50 -2.97
CA THR A 57 10.09 -2.04 -2.69
C THR A 57 10.14 -3.56 -3.05
N ILE A 58 9.00 -4.24 -2.90
CA ILE A 58 8.88 -5.65 -3.37
C ILE A 58 9.04 -5.67 -4.90
N LEU A 59 8.29 -4.83 -5.64
CA LEU A 59 8.40 -4.86 -7.11
C LEU A 59 9.78 -4.50 -7.57
N LEU A 60 10.32 -3.37 -7.06
CA LEU A 60 11.71 -3.02 -7.42
C LEU A 60 12.69 -4.18 -7.13
N GLU A 61 12.60 -4.79 -5.97
CA GLU A 61 13.50 -5.94 -5.67
C GLU A 61 13.25 -7.16 -6.57
N GLU A 62 11.99 -7.34 -7.02
CA GLU A 62 11.67 -8.44 -7.89
C GLU A 62 12.33 -8.19 -9.26
N LEU A 63 12.30 -6.93 -9.67
CA LEU A 63 12.84 -6.54 -10.95
C LEU A 63 14.38 -6.69 -10.94
N LEU A 64 15.00 -6.22 -9.86
CA LEU A 64 16.42 -6.40 -9.68
C LEU A 64 16.79 -7.87 -9.70
N GLU A 65 16.04 -8.69 -8.97
CA GLU A 65 16.25 -10.14 -8.92
C GLU A 65 16.12 -10.81 -10.28
N ALA A 66 15.26 -10.27 -11.15
CA ALA A 66 15.00 -10.82 -12.48
C ALA A 66 16.09 -10.45 -13.47
N GLY A 67 17.05 -9.65 -13.02
CA GLY A 67 18.15 -9.16 -13.83
C GLY A 67 17.94 -7.76 -14.40
N PHE A 68 16.93 -7.00 -13.99
CA PHE A 68 16.79 -5.62 -14.52
C PHE A 68 17.57 -4.62 -13.70
N LYS A 69 18.83 -4.39 -14.05
CA LYS A 69 19.62 -3.59 -13.14
C LYS A 69 19.34 -2.12 -13.26
N GLU A 70 18.60 -1.70 -14.28
CA GLU A 70 18.18 -0.32 -14.40
C GLU A 70 17.02 0.00 -13.42
N ALA A 71 16.63 -0.94 -12.60
CA ALA A 71 15.61 -0.69 -11.58
C ALA A 71 16.19 -0.25 -10.24
N ALA A 72 17.51 0.03 -10.21
CA ALA A 72 18.15 0.52 -9.03
C ALA A 72 17.45 1.80 -8.59
N TYR A 73 17.31 1.97 -7.28
CA TYR A 73 16.55 3.09 -6.75
C TYR A 73 17.22 3.68 -5.51
N ASP A 74 16.99 4.98 -5.24
CA ASP A 74 17.25 5.55 -3.94
C ASP A 74 15.96 5.58 -3.14
N LEU A 75 16.06 5.34 -1.84
CA LEU A 75 14.89 5.13 -0.98
C LEU A 75 14.94 5.95 0.28
N TYR A 76 13.96 6.86 0.45
CA TYR A 76 13.96 7.85 1.53
C TYR A 76 12.73 7.66 2.39
N LYS A 77 12.94 7.81 3.69
CA LYS A 77 11.89 7.71 4.71
C LYS A 77 11.11 9.01 4.93
N ILE A 78 9.81 8.96 4.63
CA ILE A 78 8.89 9.99 4.96
C ILE A 78 8.12 9.48 6.21
N ALA A 79 8.38 10.09 7.37
CA ALA A 79 7.77 9.64 8.65
C ALA A 79 6.45 10.31 8.84
N ILE A 80 5.39 9.58 8.53
CA ILE A 80 4.05 10.12 8.42
C ILE A 80 3.50 10.39 9.84
N MET A 81 4.08 9.74 10.82
CA MET A 81 3.71 10.05 12.27
C MET A 81 4.35 11.40 12.68
N ASP A 82 5.29 11.88 11.89
CA ASP A 82 5.99 13.16 12.15
C ASP A 82 5.54 14.34 11.27
N GLY A 83 4.66 14.14 10.33
CA GLY A 83 4.22 15.26 9.51
C GLY A 83 5.09 15.44 8.27
N ASP A 84 6.03 14.53 8.03
CA ASP A 84 6.93 14.67 6.82
C ASP A 84 6.21 14.82 5.47
N GLN A 85 5.03 14.14 5.34
CA GLN A 85 4.17 14.18 4.18
C GLN A 85 3.56 15.51 3.88
N PHE A 86 3.78 16.46 4.78
CA PHE A 86 3.24 17.89 4.62
C PHE A 86 4.31 18.87 4.29
N GLY A 87 5.53 18.41 4.09
CA GLY A 87 6.59 19.33 3.63
C GLY A 87 6.44 19.67 2.15
N SER A 88 6.88 20.87 1.77
CA SER A 88 6.59 21.51 0.50
C SER A 88 7.14 20.61 -0.64
N ASP A 89 8.31 20.01 -0.46
CA ASP A 89 8.91 19.21 -1.55
C ASP A 89 8.08 17.91 -1.65
N PHE A 90 7.51 17.42 -0.53
CA PHE A 90 6.79 16.13 -0.67
C PHE A 90 5.47 16.45 -1.35
N VAL A 91 4.88 17.59 -1.02
CA VAL A 91 3.60 18.01 -1.63
C VAL A 91 3.71 18.20 -3.16
N LYS A 92 4.89 18.60 -3.61
CA LYS A 92 5.24 18.70 -5.05
C LYS A 92 5.26 17.37 -5.74
N LEU A 93 5.72 16.33 -5.06
CA LEU A 93 5.59 14.97 -5.55
C LEU A 93 4.20 14.36 -5.48
N ASN A 94 3.46 14.61 -4.37
CA ASN A 94 2.14 14.09 -4.21
C ASN A 94 1.27 15.02 -3.45
N PRO A 95 0.35 15.74 -4.14
CA PRO A 95 -0.34 16.78 -3.43
C PRO A 95 -1.29 16.21 -2.38
N ASN A 96 -1.62 14.89 -2.50
CA ASN A 96 -2.37 14.17 -1.53
C ASN A 96 -1.65 13.85 -0.22
N SER A 97 -0.37 14.15 -0.12
CA SER A 97 0.39 13.94 1.08
C SER A 97 0.33 12.53 1.64
N LYS A 98 0.46 11.59 0.76
CA LYS A 98 0.58 10.17 1.14
C LYS A 98 1.73 9.53 0.53
N ILE A 99 2.28 8.52 1.20
CA ILE A 99 3.29 7.70 0.60
C ILE A 99 2.65 6.41 0.07
N PRO A 100 3.26 5.78 -0.93
CA PRO A 100 4.47 6.11 -1.66
C PRO A 100 4.32 7.14 -2.74
N ALA A 101 5.36 7.95 -2.91
CA ALA A 101 5.55 8.77 -4.07
C ALA A 101 6.89 8.52 -4.76
N LEU A 102 6.84 8.35 -6.05
CA LEU A 102 8.02 8.10 -6.90
C LEU A 102 8.35 9.31 -7.79
N LEU A 103 9.65 9.72 -7.79
CA LEU A 103 10.16 10.60 -8.82
C LEU A 103 11.05 9.75 -9.75
N ASP A 104 10.77 9.81 -11.03
CA ASP A 104 11.57 9.15 -12.09
C ASP A 104 12.26 10.30 -12.77
N GLN A 105 13.56 10.35 -12.62
CA GLN A 105 14.34 11.49 -13.12
C GLN A 105 15.20 11.00 -14.30
N SER A 106 14.84 9.83 -14.82
CA SER A 106 15.56 9.18 -15.90
C SER A 106 15.41 9.83 -17.22
N GLY A 107 14.36 10.60 -17.44
CA GLY A 107 14.15 11.03 -18.79
C GLY A 107 14.88 12.32 -19.11
N THR A 108 14.16 13.17 -19.81
CA THR A 108 14.60 14.48 -20.00
C THR A 108 13.80 15.40 -19.10
N GLU A 109 12.72 14.89 -18.56
CA GLU A 109 11.84 15.65 -17.72
C GLU A 109 11.54 14.74 -16.52
N ASP A 110 11.58 15.30 -15.33
CA ASP A 110 11.17 14.58 -14.13
C ASP A 110 9.68 14.27 -14.13
N VAL A 111 9.31 13.05 -13.76
CA VAL A 111 7.91 12.61 -13.79
C VAL A 111 7.53 12.15 -12.34
N ARG A 112 6.56 12.78 -11.73
CA ARG A 112 6.04 12.31 -10.42
C ARG A 112 4.96 11.19 -10.65
N VAL A 113 5.11 10.11 -9.93
CA VAL A 113 4.15 8.97 -9.97
C VAL A 113 3.69 8.70 -8.52
N PHE A 114 2.44 8.89 -8.27
CA PHE A 114 1.84 8.54 -6.93
C PHE A 114 0.64 7.56 -7.05
N GLU A 115 0.02 7.16 -5.92
CA GLU A 115 -0.80 5.93 -5.80
C GLU A 115 0.00 4.65 -5.99
N SER A 116 0.10 3.90 -4.94
CA SER A 116 0.90 2.68 -4.94
C SER A 116 0.60 1.72 -6.12
N ALA A 117 -0.67 1.53 -6.44
CA ALA A 117 -1.06 0.66 -7.50
C ALA A 117 -0.60 1.23 -8.84
N HIS A 118 -0.63 2.58 -8.98
CA HIS A 118 -0.19 3.19 -10.19
C HIS A 118 1.32 2.98 -10.30
N ILE A 119 2.04 3.20 -9.23
CA ILE A 119 3.50 2.99 -9.26
C ILE A 119 3.87 1.57 -9.72
N LEU A 120 3.12 0.59 -9.25
CA LEU A 120 3.26 -0.80 -9.73
C LEU A 120 3.06 -0.91 -11.21
N LEU A 121 1.94 -0.35 -11.72
CA LEU A 121 1.75 -0.34 -13.12
C LEU A 121 2.82 0.38 -13.90
N TYR A 122 3.19 1.60 -13.47
CA TYR A 122 4.16 2.36 -14.19
C TYR A 122 5.49 1.56 -14.34
N LEU A 123 5.96 0.98 -13.27
CA LEU A 123 7.22 0.17 -13.30
C LEU A 123 7.13 -1.09 -14.16
N ALA A 124 6.02 -1.79 -14.02
CA ALA A 124 5.80 -3.02 -14.77
C ALA A 124 5.80 -2.75 -16.28
N GLU A 125 5.07 -1.71 -16.71
CA GLU A 125 5.04 -1.27 -18.09
C GLU A 125 6.38 -0.78 -18.56
N LYS A 126 7.11 -0.06 -17.71
CA LYS A 126 8.41 0.45 -18.10
C LYS A 126 9.35 -0.67 -18.37
N PHE A 127 9.36 -1.70 -17.55
CA PHE A 127 10.27 -2.83 -17.78
C PHE A 127 9.75 -4.04 -18.53
N GLY A 128 8.44 -4.13 -18.74
CA GLY A 128 7.82 -5.27 -19.36
C GLY A 128 7.97 -6.50 -18.55
N ALA A 129 7.63 -6.46 -17.26
CA ALA A 129 7.81 -7.60 -16.42
C ALA A 129 6.78 -7.45 -15.26
N PHE A 130 6.34 -8.60 -14.79
CA PHE A 130 5.30 -8.80 -13.75
C PHE A 130 3.90 -8.29 -14.13
N LEU A 131 3.73 -8.12 -15.43
CA LEU A 131 2.47 -7.77 -16.05
C LEU A 131 2.41 -8.45 -17.40
N PRO A 132 1.43 -9.32 -17.68
CA PRO A 132 1.54 -10.10 -18.93
C PRO A 132 1.47 -9.23 -20.13
N SER A 133 2.18 -9.64 -21.19
CA SER A 133 2.04 -8.89 -22.47
C SER A 133 0.70 -9.22 -23.16
N ASN A 134 0.25 -10.46 -23.05
CA ASN A 134 -0.98 -10.85 -23.70
C ASN A 134 -2.17 -9.95 -23.27
N PRO A 135 -2.80 -9.23 -24.22
CA PRO A 135 -3.79 -8.21 -23.93
C PRO A 135 -4.96 -8.66 -23.08
N VAL A 136 -5.39 -9.90 -23.26
CA VAL A 136 -6.47 -10.50 -22.49
C VAL A 136 -6.06 -10.83 -21.05
N GLU A 137 -4.91 -11.47 -20.88
CA GLU A 137 -4.38 -11.73 -19.54
C GLU A 137 -4.11 -10.42 -18.79
N ARG A 138 -3.62 -9.46 -19.52
CA ARG A 138 -3.35 -8.13 -18.96
C ARG A 138 -4.58 -7.46 -18.34
N VAL A 139 -5.72 -7.51 -19.05
CA VAL A 139 -6.99 -6.95 -18.56
C VAL A 139 -7.32 -7.58 -17.21
N GLU A 140 -7.23 -8.91 -17.10
CA GLU A 140 -7.61 -9.59 -15.88
C GLU A 140 -6.64 -9.18 -14.72
N VAL A 141 -5.36 -9.05 -15.02
CA VAL A 141 -4.41 -8.50 -14.00
C VAL A 141 -4.79 -7.12 -13.49
N LEU A 142 -5.20 -6.25 -14.42
CA LEU A 142 -5.57 -4.89 -14.07
C LEU A 142 -6.86 -4.86 -13.29
N ASN A 143 -7.80 -5.78 -13.62
CA ASN A 143 -8.98 -5.90 -12.82
C ASN A 143 -8.68 -6.02 -11.34
N TRP A 144 -7.79 -6.95 -10.97
CA TRP A 144 -7.39 -7.19 -9.61
C TRP A 144 -6.55 -6.11 -9.01
N LEU A 145 -5.71 -5.53 -9.81
CA LEU A 145 -4.95 -4.33 -9.38
C LEU A 145 -5.84 -3.15 -8.97
N PHE A 146 -6.84 -2.86 -9.82
CA PHE A 146 -7.67 -1.73 -9.55
C PHE A 146 -8.51 -2.16 -8.36
N TRP A 147 -8.83 -3.47 -8.30
CA TRP A 147 -9.71 -3.94 -7.23
C TRP A 147 -9.09 -3.58 -5.92
N GLN A 148 -7.81 -3.98 -5.76
CA GLN A 148 -7.04 -3.78 -4.56
C GLN A 148 -7.06 -2.31 -4.13
N ALA A 149 -6.90 -1.48 -5.12
CA ALA A 149 -6.90 0.02 -4.93
C ALA A 149 -8.21 0.51 -4.35
N GLY A 150 -9.35 -0.05 -4.86
CA GLY A 150 -10.67 0.23 -4.33
C GLY A 150 -11.05 -0.43 -3.05
N ALA A 151 -10.47 -1.59 -2.73
CA ALA A 151 -10.85 -2.38 -1.56
C ALA A 151 -10.07 -2.12 -0.33
N ALA A 152 -8.78 -1.81 -0.48
CA ALA A 152 -7.91 -1.54 0.69
C ALA A 152 -8.39 -0.43 1.64
N PRO A 153 -9.00 0.67 1.16
CA PRO A 153 -9.48 1.63 2.09
C PRO A 153 -10.40 1.12 3.15
N PHE A 154 -11.21 0.09 2.83
CA PHE A 154 -12.06 -0.47 3.83
C PHE A 154 -11.26 -1.25 4.89
N LEU A 155 -10.17 -1.85 4.46
CA LEU A 155 -9.28 -2.62 5.37
C LEU A 155 -8.43 -1.70 6.26
N GLY A 156 -7.76 -0.75 5.63
CA GLY A 156 -6.94 0.27 6.27
C GLY A 156 -7.68 1.39 6.97
N GLY A 157 -8.55 2.10 6.21
CA GLY A 157 -9.21 3.29 6.65
C GLY A 157 -10.45 2.98 7.48
N GLY A 158 -11.01 1.79 7.30
CA GLY A 158 -12.17 1.35 8.07
C GLY A 158 -11.79 0.38 9.15
N PHE A 159 -11.57 -0.88 8.79
CA PHE A 159 -11.25 -1.86 9.79
C PHE A 159 -10.05 -1.46 10.66
N GLY A 160 -8.95 -1.21 10.01
CA GLY A 160 -7.71 -0.81 10.71
C GLY A 160 -7.91 0.32 11.71
N HIS A 161 -8.58 1.41 11.25
CA HIS A 161 -8.69 2.55 12.05
C HIS A 161 -9.59 2.20 13.32
N PHE A 162 -10.70 1.52 13.11
CA PHE A 162 -11.68 1.33 14.21
C PHE A 162 -11.19 0.21 15.19
N PHE A 163 -10.48 -0.73 14.64
CA PHE A 163 -9.93 -1.87 15.43
C PHE A 163 -8.68 -1.53 16.20
N ASN A 164 -7.80 -0.73 15.61
CA ASN A 164 -6.44 -0.50 16.11
C ASN A 164 -6.21 0.93 16.61
N TYR A 165 -6.86 1.92 16.03
CA TYR A 165 -6.37 3.28 16.27
C TYR A 165 -7.32 4.15 17.03
N ALA A 166 -8.61 3.98 16.80
CA ALA A 166 -9.62 4.77 17.43
C ALA A 166 -9.53 4.64 18.99
N PRO A 167 -9.65 5.75 19.70
CA PRO A 167 -9.55 5.70 21.17
C PRO A 167 -10.49 4.73 21.85
N GLU A 168 -11.67 4.56 21.32
CA GLU A 168 -12.68 3.66 21.86
C GLU A 168 -13.06 2.63 20.80
N LYS A 169 -13.25 1.37 21.20
CA LYS A 169 -13.82 0.34 20.33
C LYS A 169 -15.33 0.61 20.14
N LEU A 170 -15.73 0.83 18.89
CA LEU A 170 -17.10 1.22 18.60
C LEU A 170 -17.79 0.12 17.86
N GLU A 171 -18.80 -0.43 18.47
CA GLU A 171 -19.50 -1.65 17.93
C GLU A 171 -19.92 -1.60 16.47
N TYR A 172 -20.66 -0.54 16.08
CA TYR A 172 -21.32 -0.57 14.83
C TYR A 172 -20.25 -0.39 13.72
N PRO A 173 -19.30 0.57 13.88
CA PRO A 173 -18.30 0.65 12.75
C PRO A 173 -17.40 -0.60 12.69
N ILE A 174 -17.05 -1.15 13.84
CA ILE A 174 -16.24 -2.40 13.82
C ILE A 174 -16.98 -3.54 13.07
N ASN A 175 -18.24 -3.65 13.37
CA ASN A 175 -19.08 -4.68 12.67
C ASN A 175 -19.16 -4.43 11.19
N ARG A 176 -19.39 -3.18 10.77
CA ARG A 176 -19.47 -2.85 9.40
C ARG A 176 -18.20 -3.15 8.62
N PHE A 177 -17.03 -2.75 9.15
CA PHE A 177 -15.80 -2.91 8.36
C PHE A 177 -15.27 -4.32 8.52
N THR A 178 -15.56 -4.95 9.65
CA THR A 178 -15.14 -6.38 9.83
C THR A 178 -15.88 -7.27 8.85
N MET A 179 -17.15 -6.99 8.65
CA MET A 179 -17.94 -7.80 7.76
C MET A 179 -17.33 -7.60 6.38
N GLU A 180 -16.98 -6.35 6.02
CA GLU A 180 -16.48 -6.09 4.69
C GLU A 180 -15.17 -6.72 4.43
N VAL A 181 -14.22 -6.63 5.39
CA VAL A 181 -12.90 -7.20 5.28
C VAL A 181 -13.09 -8.75 5.13
N LYS A 182 -13.92 -9.31 5.96
CA LYS A 182 -14.18 -10.79 5.78
C LYS A 182 -14.73 -11.20 4.39
N ARG A 183 -15.59 -10.36 3.75
CA ARG A 183 -16.10 -10.64 2.46
C ARG A 183 -14.92 -10.58 1.49
N GLN A 184 -14.03 -9.56 1.68
CA GLN A 184 -12.86 -9.42 0.76
C GLN A 184 -11.93 -10.69 0.89
N LEU A 185 -11.72 -11.12 2.08
CA LEU A 185 -10.85 -12.30 2.33
C LEU A 185 -11.50 -13.57 1.74
N ASP A 186 -12.82 -13.68 1.85
CA ASP A 186 -13.56 -14.85 1.26
C ASP A 186 -13.44 -14.80 -0.26
N LEU A 187 -13.64 -13.62 -0.85
CA LEU A 187 -13.44 -13.45 -2.27
C LEU A 187 -12.10 -13.90 -2.78
N LEU A 188 -11.03 -13.43 -2.10
CA LEU A 188 -9.69 -13.71 -2.51
C LEU A 188 -9.44 -15.24 -2.34
N ASP A 189 -9.91 -15.73 -1.24
CA ASP A 189 -9.75 -17.15 -0.94
C ASP A 189 -10.46 -18.04 -1.99
N LYS A 190 -11.60 -17.61 -2.53
CA LYS A 190 -12.37 -18.40 -3.44
C LYS A 190 -11.68 -18.30 -4.82
N GLU A 191 -11.04 -17.16 -5.12
CA GLU A 191 -10.27 -17.08 -6.40
C GLU A 191 -9.05 -17.94 -6.30
N LEU A 192 -8.37 -17.91 -5.18
CA LEU A 192 -7.09 -18.66 -5.04
C LEU A 192 -7.32 -20.16 -4.88
N ALA A 193 -8.57 -20.52 -4.65
CA ALA A 193 -9.00 -21.96 -4.70
C ALA A 193 -8.88 -22.51 -6.12
N GLN A 194 -8.97 -21.64 -7.11
CA GLN A 194 -9.02 -22.02 -8.53
C GLN A 194 -7.76 -21.74 -9.30
N LYS A 195 -6.91 -20.85 -8.80
CA LYS A 195 -5.74 -20.39 -9.55
C LYS A 195 -4.56 -20.33 -8.59
N PRO A 196 -3.35 -20.55 -9.09
CA PRO A 196 -2.13 -20.43 -8.26
C PRO A 196 -1.80 -18.97 -7.83
N TYR A 197 -2.19 -17.99 -8.64
CA TYR A 197 -1.97 -16.54 -8.36
C TYR A 197 -3.30 -15.83 -8.64
N ILE A 198 -3.41 -14.55 -8.27
CA ILE A 198 -4.73 -13.97 -8.13
C ILE A 198 -5.39 -13.84 -9.48
N ALA A 199 -4.60 -13.58 -10.52
CA ALA A 199 -5.16 -13.35 -11.84
C ALA A 199 -4.86 -14.44 -12.86
N GLY A 200 -4.35 -15.57 -12.39
CA GLY A 200 -4.07 -16.69 -13.25
C GLY A 200 -2.89 -17.51 -12.80
N ASN A 201 -2.08 -17.92 -13.78
CA ASN A 201 -1.01 -18.88 -13.57
C ASN A 201 0.31 -18.25 -13.17
N ASP A 202 0.46 -16.96 -13.32
CA ASP A 202 1.73 -16.30 -13.01
C ASP A 202 1.63 -15.22 -11.95
N TYR A 203 2.73 -15.03 -11.24
CA TYR A 203 2.88 -13.97 -10.26
C TYR A 203 3.03 -12.64 -10.96
N THR A 204 2.21 -11.67 -10.59
CA THR A 204 2.10 -10.38 -11.21
C THR A 204 2.04 -9.26 -10.22
N ILE A 205 2.04 -8.03 -10.72
CA ILE A 205 1.78 -6.89 -9.83
C ILE A 205 0.46 -6.98 -9.04
N ALA A 206 -0.57 -7.68 -9.57
CA ALA A 206 -1.77 -7.85 -8.75
C ALA A 206 -1.53 -8.61 -7.47
N ASP A 207 -0.72 -9.70 -7.52
CA ASP A 207 -0.30 -10.45 -6.36
C ASP A 207 0.43 -9.57 -5.39
N ILE A 208 1.32 -8.78 -5.92
CA ILE A 208 2.20 -7.92 -5.04
C ILE A 208 1.29 -6.95 -4.29
N ALA A 209 0.38 -6.31 -5.05
CA ALA A 209 -0.50 -5.29 -4.49
C ALA A 209 -1.37 -5.88 -3.41
N ILE A 210 -2.00 -7.05 -3.72
CA ILE A 210 -2.86 -7.67 -2.74
C ILE A 210 -2.13 -8.37 -1.57
N TRP A 211 -1.02 -9.00 -1.86
CA TRP A 211 -0.21 -9.61 -0.80
C TRP A 211 0.22 -8.61 0.26
N SER A 212 0.57 -7.38 -0.15
CA SER A 212 1.15 -6.44 0.80
C SER A 212 0.09 -6.11 1.89
N TRP A 213 -1.20 -6.17 1.52
CA TRP A 213 -2.28 -5.99 2.53
C TRP A 213 -2.78 -7.32 3.05
N TYR A 214 -3.49 -8.08 2.19
CA TYR A 214 -4.25 -9.24 2.62
C TYR A 214 -3.32 -10.42 2.99
N GLY A 215 -2.22 -10.61 2.25
CA GLY A 215 -1.26 -11.65 2.61
C GLY A 215 -0.60 -11.43 3.96
N GLN A 216 -0.19 -10.20 4.23
CA GLN A 216 0.41 -9.89 5.51
C GLN A 216 -0.64 -9.95 6.59
N LEU A 217 -1.89 -9.66 6.25
CA LEU A 217 -2.93 -9.71 7.27
C LEU A 217 -3.12 -11.16 7.76
N VAL A 218 -3.25 -12.10 6.86
CA VAL A 218 -3.50 -13.50 7.23
C VAL A 218 -2.27 -14.15 7.85
N GLN A 219 -1.08 -13.62 7.59
CA GLN A 219 0.13 -14.07 8.27
C GLN A 219 0.33 -13.49 9.64
N GLY A 220 -0.54 -12.57 10.07
CA GLY A 220 -0.45 -12.00 11.39
C GLY A 220 0.53 -10.84 11.47
N ASN A 221 0.91 -10.26 10.33
CA ASN A 221 1.84 -9.10 10.27
C ASN A 221 1.20 -7.75 9.98
N LEU A 222 -0.10 -7.64 10.17
CA LEU A 222 -0.72 -6.32 10.14
C LEU A 222 -1.14 -6.06 11.59
N TYR A 223 -2.35 -5.57 11.79
CA TYR A 223 -2.78 -5.08 13.11
C TYR A 223 -2.74 -6.17 14.17
N GLN A 224 -2.10 -5.90 15.32
CA GLN A 224 -2.11 -6.86 16.46
C GLN A 224 -3.51 -7.40 16.69
N GLY A 225 -3.63 -8.71 16.82
CA GLY A 225 -4.91 -9.34 17.17
C GLY A 225 -5.91 -9.47 16.03
N SER A 226 -5.55 -9.00 14.82
CA SER A 226 -6.50 -8.99 13.71
C SER A 226 -6.65 -10.35 13.05
N ALA A 227 -5.54 -11.12 12.91
CA ALA A 227 -5.66 -12.48 12.35
C ALA A 227 -6.60 -13.31 13.22
N LYS A 228 -6.44 -13.29 14.54
CA LYS A 228 -7.37 -14.01 15.38
C LYS A 228 -8.82 -13.54 15.20
N PHE A 229 -9.01 -12.22 15.29
CA PHE A 229 -10.30 -11.60 15.20
C PHE A 229 -11.04 -11.92 13.93
N LEU A 230 -10.30 -11.97 12.82
CA LEU A 230 -10.88 -12.15 11.52
C LEU A 230 -10.97 -13.63 11.13
N ASP A 231 -10.45 -14.54 11.96
CA ASP A 231 -10.52 -16.01 11.65
C ASP A 231 -9.71 -16.24 10.35
N ALA A 232 -8.54 -15.59 10.33
CA ALA A 232 -7.61 -15.65 9.18
C ALA A 232 -7.23 -17.03 8.76
N SER A 233 -7.01 -17.92 9.70
CA SER A 233 -6.56 -19.27 9.33
C SER A 233 -7.67 -20.07 8.64
N SER A 234 -8.91 -19.59 8.68
CA SER A 234 -10.01 -20.17 7.92
C SER A 234 -9.89 -19.99 6.38
N TYR A 235 -9.09 -19.03 5.90
CA TYR A 235 -9.00 -18.75 4.45
C TYR A 235 -7.75 -19.43 3.97
N GLN A 236 -7.80 -20.77 3.79
CA GLN A 236 -6.58 -21.53 3.79
C GLN A 236 -5.98 -21.43 2.38
N ASN A 237 -6.76 -21.02 1.39
CA ASN A 237 -6.17 -20.83 0.05
C ASN A 237 -5.33 -19.56 0.05
N LEU A 238 -5.89 -18.55 0.69
CA LEU A 238 -5.20 -17.27 0.84
C LEU A 238 -3.95 -17.44 1.69
N VAL A 239 -4.03 -18.16 2.80
CA VAL A 239 -2.88 -18.45 3.68
C VAL A 239 -1.73 -19.10 2.92
N LYS A 240 -2.05 -20.09 2.11
CA LYS A 240 -1.04 -20.88 1.37
C LYS A 240 -0.38 -20.08 0.27
N TRP A 241 -1.17 -19.27 -0.41
CA TRP A 241 -0.65 -18.36 -1.41
C TRP A 241 0.27 -17.31 -0.74
N ALA A 242 -0.08 -16.92 0.47
CA ALA A 242 0.65 -15.85 1.16
C ALA A 242 1.97 -16.36 1.67
N GLU A 243 1.98 -17.62 2.09
CA GLU A 243 3.19 -18.30 2.51
C GLU A 243 4.16 -18.47 1.33
N LYS A 244 3.62 -18.87 0.20
CA LYS A 244 4.43 -19.02 -1.03
C LYS A 244 5.12 -17.71 -1.41
N ILE A 245 4.33 -16.64 -1.54
CA ILE A 245 4.86 -15.32 -1.83
C ILE A 245 5.91 -14.88 -0.81
N ALA A 246 5.62 -15.04 0.50
CA ALA A 246 6.50 -14.64 1.56
C ALA A 246 7.88 -15.25 1.47
N ASN A 247 7.97 -16.38 0.78
CA ASN A 247 9.18 -17.12 0.65
C ASN A 247 9.97 -16.80 -0.62
N ARG A 248 9.45 -15.88 -1.44
CA ARG A 248 10.17 -15.48 -2.63
C ARG A 248 11.37 -14.65 -2.10
N PRO A 249 12.57 -14.81 -2.69
CA PRO A 249 13.73 -14.06 -2.15
C PRO A 249 13.61 -12.54 -2.29
N ALA A 250 12.97 -12.05 -3.35
CA ALA A 250 12.80 -10.61 -3.52
C ALA A 250 11.73 -10.00 -2.60
N VAL A 251 10.72 -10.77 -2.23
CA VAL A 251 9.73 -10.29 -1.25
C VAL A 251 10.43 -10.07 0.10
N LYS A 252 11.21 -11.04 0.56
CA LYS A 252 12.05 -10.85 1.73
C LYS A 252 12.88 -9.58 1.64
N ARG A 253 13.55 -9.35 0.50
CA ARG A 253 14.40 -8.18 0.35
C ARG A 253 13.60 -6.93 0.33
N GLY A 254 12.42 -6.99 -0.30
CA GLY A 254 11.59 -5.82 -0.47
C GLY A 254 11.01 -5.46 0.91
N LEU A 255 10.89 -6.43 1.81
CA LEU A 255 10.47 -6.09 3.21
C LEU A 255 11.68 -5.59 4.06
N GLU A 256 12.89 -6.02 3.75
CA GLU A 256 14.05 -5.74 4.63
C GLU A 256 14.87 -4.55 4.20
N VAL A 257 14.56 -3.98 3.05
CA VAL A 257 15.39 -2.92 2.52
C VAL A 257 15.33 -1.77 3.49
N THR A 258 16.44 -1.06 3.66
CA THR A 258 16.50 0.01 4.66
C THR A 258 16.42 1.33 3.98
N TYR A 259 15.95 2.28 4.75
CA TYR A 259 15.56 3.60 4.25
C TYR A 259 16.64 4.66 4.63
N THR A 260 16.70 5.70 3.84
CA THR A 260 17.64 6.81 4.05
C THR A 260 16.80 7.94 4.63
N GLU A 261 17.31 8.60 5.68
CA GLU A 261 16.57 9.62 6.39
C GLU A 261 16.61 10.89 5.54
N ILE A 262 15.63 11.75 5.76
CA ILE A 262 15.50 12.97 5.01
C ILE A 262 15.98 14.23 5.76
N LYS A 263 16.25 14.08 7.03
CA LYS A 263 16.82 15.15 7.83
C LYS A 263 17.95 14.55 8.69
N1 GSH B . -4.80 9.51 7.63
CA1 GSH B . -4.83 8.05 7.74
C1 GSH B . -6.02 7.58 8.57
O11 GSH B . -6.37 8.25 9.56
O12 GSH B . -6.62 6.52 8.28
CB1 GSH B . -3.51 7.66 8.40
CG1 GSH B . -3.30 6.16 8.40
CD1 GSH B . -3.02 5.59 7.01
OE1 GSH B . -2.60 6.36 6.18
N2 GSH B . -3.30 4.26 6.81
CA2 GSH B . -3.01 3.56 5.57
C2 GSH B . -4.27 3.23 4.87
O2 GSH B . -5.20 2.88 5.58
CB2 GSH B . -2.24 2.28 5.79
SG2 GSH B . -0.58 2.79 6.42
N3 GSH B . -4.35 3.31 3.53
CA3 GSH B . -5.62 3.00 2.81
C3 GSH B . -5.36 2.60 1.37
O31 GSH B . -6.27 2.73 0.48
O32 GSH B . -4.25 2.08 1.16
N1 GSH C . -4.46 4.98 -2.23
CA1 GSH C . -3.14 5.36 -1.71
C1 GSH C . -2.09 4.45 -2.26
O11 GSH C . -2.37 3.25 -2.47
O12 GSH C . -0.94 4.84 -2.48
CB1 GSH C . -3.17 5.27 -0.17
CG1 GSH C . -1.76 5.48 0.36
CD1 GSH C . -1.73 5.67 1.88
OE1 GSH C . -2.72 5.43 2.55
N2 GSH C . -0.53 6.02 2.49
CA2 GSH C . -0.40 6.17 3.91
C2 GSH C . 0.06 7.57 4.25
O2 GSH C . 0.92 8.07 3.64
CB2 GSH C . 0.68 5.25 4.42
SG2 GSH C . 0.32 3.50 4.06
N3 GSH C . -0.59 8.21 5.24
CA3 GSH C . -0.34 9.58 5.63
C3 GSH C . -1.53 10.34 6.16
O31 GSH C . -1.24 11.48 6.68
O32 GSH C . -2.74 9.89 5.95
#